data_2F3C
#
_entry.id   2F3C
#
_cell.length_a   57.993
_cell.length_b   62.692
_cell.length_c   67.837
_cell.angle_alpha   90.00
_cell.angle_beta   90.00
_cell.angle_gamma   90.00
#
_symmetry.space_group_name_H-M   'P 21 21 21'
#
loop_
_entity.id
_entity.type
_entity.pdbx_description
1 polymer 'Cationic trypsin'
2 polymer 'thrombin inhibitor infestin'
3 non-polymer 'SULFATE ION'
4 non-polymer 'CALCIUM ION'
5 water water
#
loop_
_entity_poly.entity_id
_entity_poly.type
_entity_poly.pdbx_seq_one_letter_code
_entity_poly.pdbx_strand_id
1 'polypeptide(L)'
;IVGGYTCGANTVPYQVSLNSGYHFCGGSLINSQWVVSAAHCYKSGIQVRLGEDNINVVEGNEQFISASKSIVHPSYNSNT
LNNDIMLIKLKSAASLNSRVASISLPTSCASAGTQCLISGWGNTKSSGTSYPDVLKCLKAPILSDSSCKSAYPGQITSNM
FCAGYLEGGKDSCQGDSGGPVVCSGKLQGIVSWGSGCAQKNKPGVYTKVCNYVSWIKQTIASN
;
E
2 'polypeptide(L)' LEENDCACPRVLHRVCGSDGNTYSNPCTLDCAKHEGKPDLVQVHEGPCDPNDHDF I
#
# COMPACT_ATOMS: atom_id res chain seq x y z
N ILE A 1 -6.62 4.90 3.71
CA ILE A 1 -6.05 5.92 4.63
C ILE A 1 -7.09 6.33 5.67
N VAL A 2 -6.77 6.05 6.93
CA VAL A 2 -7.65 6.39 8.04
C VAL A 2 -7.14 7.66 8.70
N GLY A 3 -8.04 8.59 9.00
CA GLY A 3 -7.68 9.83 9.67
C GLY A 3 -6.95 10.84 8.79
N GLY A 4 -7.02 10.61 7.49
CA GLY A 4 -6.36 11.46 6.52
C GLY A 4 -7.32 12.48 5.94
N TYR A 5 -7.04 12.90 4.72
CA TYR A 5 -7.79 13.99 4.11
C TYR A 5 -7.72 13.78 2.60
N THR A 6 -8.51 14.55 1.86
CA THR A 6 -8.54 14.42 0.44
C THR A 6 -7.33 15.08 -0.16
N CYS A 7 -6.55 14.30 -0.91
CA CYS A 7 -5.30 14.83 -1.45
C CYS A 7 -5.58 16.06 -2.30
N GLY A 8 -6.62 15.95 -3.12
CA GLY A 8 -6.84 16.83 -4.26
C GLY A 8 -6.39 16.12 -5.52
N ALA A 9 -7.12 16.35 -6.61
CA ALA A 9 -6.79 15.81 -7.94
C ALA A 9 -5.38 16.23 -8.33
N ASN A 10 -4.62 15.31 -8.94
CA ASN A 10 -3.30 15.62 -9.52
C ASN A 10 -2.26 16.05 -8.50
N THR A 11 -2.59 16.02 -7.20
CA THR A 11 -1.63 16.47 -6.19
C THR A 11 -0.66 15.35 -5.82
N VAL A 12 -1.02 14.13 -6.19
CA VAL A 12 -0.13 13.01 -5.99
C VAL A 12 0.05 12.28 -7.34
N PRO A 13 0.73 12.95 -8.30
CA PRO A 13 0.75 12.52 -9.70
C PRO A 13 1.46 11.18 -9.92
N TYR A 14 2.30 10.77 -8.97
CA TYR A 14 3.01 9.49 -9.01
C TYR A 14 2.18 8.34 -8.40
N GLN A 15 1.06 8.66 -7.73
CA GLN A 15 0.16 7.65 -7.18
C GLN A 15 -0.53 6.92 -8.30
N VAL A 16 -0.39 5.59 -8.30
CA VAL A 16 -1.12 4.76 -9.25
C VAL A 16 -2.00 3.83 -8.45
N SER A 17 -3.04 3.34 -9.10
CA SER A 17 -3.94 2.34 -8.55
C SER A 17 -3.63 1.09 -9.35
N LEU A 18 -3.45 -0.02 -8.67
CA LEU A 18 -3.31 -1.29 -9.35
C LEU A 18 -4.68 -1.90 -9.37
N ASN A 19 -5.09 -2.33 -10.55
CA ASN A 19 -6.45 -2.76 -10.77
C ASN A 19 -6.42 -4.08 -11.49
N SER A 20 -7.16 -5.04 -10.95
CA SER A 20 -7.35 -6.32 -11.61
C SER A 20 -8.84 -6.59 -11.77
N GLY A 21 -9.62 -5.56 -12.07
CA GLY A 21 -11.07 -5.64 -12.04
C GLY A 21 -11.57 -4.64 -11.02
N TYR A 22 -10.87 -4.55 -9.90
CA TYR A 22 -11.16 -3.54 -8.88
C TYR A 22 -9.83 -3.02 -8.39
N HIS A 23 -9.84 -1.82 -7.82
CA HIS A 23 -8.66 -1.34 -7.16
C HIS A 23 -8.27 -2.28 -6.01
N PHE A 24 -7.00 -2.65 -5.91
CA PHE A 24 -6.57 -3.57 -4.85
C PHE A 24 -5.25 -3.15 -4.22
N CYS A 25 -4.45 -2.39 -4.95
CA CYS A 25 -3.21 -1.82 -4.40
C CYS A 25 -2.90 -0.46 -4.98
N GLY A 26 -2.03 0.27 -4.29
CA GLY A 26 -1.46 1.49 -4.82
C GLY A 26 -0.10 1.19 -5.41
N GLY A 27 0.54 2.20 -5.97
CA GLY A 27 1.89 2.05 -6.49
C GLY A 27 2.41 3.44 -6.73
N SER A 28 3.70 3.55 -6.95
CA SER A 28 4.27 4.82 -7.26
C SER A 28 4.94 4.75 -8.59
N LEU A 29 4.58 5.67 -9.48
CA LEU A 29 5.30 5.81 -10.73
C LEU A 29 6.68 6.31 -10.39
N ILE A 30 7.73 5.60 -10.83
CA ILE A 30 9.13 6.08 -10.57
C ILE A 30 9.85 6.47 -11.87
N ASN A 31 9.35 6.00 -12.99
CA ASN A 31 9.57 6.66 -14.27
C ASN A 31 8.40 6.26 -15.15
N SER A 32 8.35 6.77 -16.38
CA SER A 32 7.19 6.58 -17.26
C SER A 32 6.85 5.12 -17.59
N GLN A 33 7.80 4.22 -17.41
CA GLN A 33 7.57 2.81 -17.70
C GLN A 33 7.44 1.95 -16.45
N TRP A 34 7.81 2.47 -15.29
CA TRP A 34 7.92 1.63 -14.11
C TRP A 34 7.17 2.10 -12.87
N VAL A 35 6.59 1.13 -12.17
CA VAL A 35 5.90 1.42 -10.94
C VAL A 35 6.52 0.58 -9.84
N VAL A 36 6.74 1.18 -8.67
CA VAL A 36 7.02 0.35 -7.51
C VAL A 36 5.76 0.16 -6.67
N SER A 37 5.63 -1.01 -6.11
CA SER A 37 4.48 -1.36 -5.32
C SER A 37 4.95 -2.43 -4.30
N ALA A 38 4.03 -3.04 -3.57
CA ALA A 38 4.38 -4.06 -2.58
C ALA A 38 4.44 -5.37 -3.32
N ALA A 39 5.29 -6.28 -2.88
CA ALA A 39 5.37 -7.58 -3.55
C ALA A 39 4.15 -8.42 -3.23
N HIS A 40 3.52 -8.17 -2.09
CA HIS A 40 2.26 -8.83 -1.77
C HIS A 40 1.11 -8.36 -2.67
N CYS A 41 1.30 -7.22 -3.32
CA CYS A 41 0.38 -6.74 -4.37
C CYS A 41 0.49 -7.49 -5.69
N TYR A 42 1.38 -8.47 -5.78
CA TYR A 42 1.57 -9.20 -7.00
C TYR A 42 0.29 -9.91 -7.41
N LYS A 43 -0.09 -9.67 -8.66
CA LYS A 43 -1.15 -10.41 -9.34
C LYS A 43 -0.68 -10.62 -10.77
N SER A 44 -1.27 -11.59 -11.44
CA SER A 44 -1.15 -11.68 -12.89
C SER A 44 -2.15 -10.69 -13.50
N GLY A 45 -1.88 -10.21 -14.71
CA GLY A 45 -2.76 -9.24 -15.38
C GLY A 45 -3.10 -8.03 -14.49
N ILE A 46 -2.08 -7.27 -14.15
CA ILE A 46 -2.32 -6.05 -13.41
C ILE A 46 -2.59 -5.04 -14.51
N GLN A 47 -3.53 -4.16 -14.26
CA GLN A 47 -3.68 -2.97 -15.05
C GLN A 47 -3.31 -1.86 -14.11
N VAL A 48 -2.43 -0.99 -14.58
CA VAL A 48 -1.96 0.13 -13.76
C VAL A 48 -2.84 1.28 -14.14
N ARG A 49 -3.34 2.02 -13.16
CA ARG A 49 -4.19 3.16 -13.49
C ARG A 49 -3.57 4.46 -13.00
N LEU A 50 -3.26 5.33 -13.95
CA LEU A 50 -2.46 6.52 -13.71
C LEU A 50 -3.30 7.75 -13.92
N GLY A 51 -3.00 8.80 -13.15
CA GLY A 51 -3.76 10.06 -13.28
C GLY A 51 -5.17 9.92 -12.73
N GLU A 52 -5.28 9.06 -11.73
CA GLU A 52 -6.53 8.82 -11.03
C GLU A 52 -6.66 9.79 -9.89
N ASP A 53 -7.89 10.25 -9.69
CA ASP A 53 -8.26 10.82 -8.42
C ASP A 53 -9.43 9.99 -7.89
N ASN A 54 -10.58 10.11 -8.54
CA ASN A 54 -11.72 9.31 -8.20
C ASN A 54 -11.54 8.00 -8.92
N ILE A 55 -11.20 6.93 -8.20
CA ILE A 55 -10.96 5.65 -8.85
C ILE A 55 -12.21 5.06 -9.43
N ASN A 56 -13.37 5.54 -8.96
CA ASN A 56 -14.66 4.94 -9.31
C ASN A 56 -15.34 5.55 -10.52
N VAL A 57 -14.84 6.72 -10.90
CA VAL A 57 -15.40 7.54 -11.98
C VAL A 57 -14.28 7.79 -12.98
N VAL A 58 -14.50 7.33 -14.22
CA VAL A 58 -13.55 7.55 -15.31
C VAL A 58 -13.75 8.99 -15.77
N GLU A 59 -12.78 9.83 -15.41
CA GLU A 59 -12.86 11.25 -15.69
C GLU A 59 -12.69 11.39 -17.23
N GLY A 60 -11.97 10.43 -17.85
CA GLY A 60 -11.67 10.42 -19.29
C GLY A 60 -10.23 10.70 -19.67
N ASN A 61 -9.42 11.16 -18.71
CA ASN A 61 -8.02 11.56 -18.91
C ASN A 61 -7.01 10.62 -18.22
N GLU A 62 -7.50 9.59 -17.55
CA GLU A 62 -6.65 8.61 -16.90
C GLU A 62 -5.92 7.81 -17.93
N GLN A 63 -4.92 7.07 -17.47
CA GLN A 63 -4.27 6.09 -18.30
C GLN A 63 -4.37 4.74 -17.67
N PHE A 64 -5.04 3.82 -18.34
CA PHE A 64 -5.13 2.44 -17.89
C PHE A 64 -4.14 1.63 -18.73
N ILE A 65 -3.08 1.17 -18.10
CA ILE A 65 -2.01 0.53 -18.86
C ILE A 65 -1.72 -0.78 -18.20
N SER A 66 -1.71 -1.86 -19.00
CA SER A 66 -1.45 -3.19 -18.44
C SER A 66 -0.01 -3.30 -17.98
N ALA A 67 0.20 -3.95 -16.84
CA ALA A 67 1.55 -4.39 -16.43
C ALA A 67 2.08 -5.34 -17.50
N SER A 68 3.30 -5.09 -17.98
CA SER A 68 3.88 -6.02 -18.93
C SER A 68 4.74 -7.02 -18.19
N LYS A 69 5.50 -6.54 -17.21
CA LYS A 69 6.16 -7.42 -16.26
C LYS A 69 5.82 -6.97 -14.84
N SER A 70 5.67 -7.94 -13.96
CA SER A 70 5.58 -7.65 -12.55
C SER A 70 6.65 -8.43 -11.82
N ILE A 71 7.68 -7.69 -11.37
CA ILE A 71 8.89 -8.30 -10.80
C ILE A 71 8.96 -8.14 -9.27
N VAL A 72 8.56 -9.17 -8.51
CA VAL A 72 8.73 -9.14 -7.06
C VAL A 72 10.23 -9.19 -6.72
N HIS A 73 10.59 -8.61 -5.57
CA HIS A 73 11.97 -8.72 -5.13
C HIS A 73 12.29 -10.21 -4.91
N PRO A 74 13.47 -10.68 -5.40
CA PRO A 74 13.69 -12.13 -5.29
C PRO A 74 13.94 -12.58 -3.83
N SER A 75 14.03 -11.64 -2.89
CA SER A 75 14.08 -11.98 -1.44
C SER A 75 12.75 -11.68 -0.78
N TYR A 76 11.72 -11.40 -1.57
CA TYR A 76 10.46 -11.08 -0.96
C TYR A 76 9.94 -12.31 -0.20
N ASN A 77 9.69 -12.12 1.09
CA ASN A 77 9.16 -13.17 1.92
C ASN A 77 7.67 -12.90 2.24
N SER A 78 6.75 -13.70 1.69
CA SER A 78 5.30 -13.46 1.88
C SER A 78 4.85 -13.73 3.29
N ASN A 79 5.67 -14.43 4.05
CA ASN A 79 5.35 -14.78 5.42
C ASN A 79 5.78 -13.67 6.37
N THR A 80 6.90 -13.01 6.12
CA THR A 80 7.37 -11.98 7.03
C THR A 80 7.11 -10.60 6.43
N LEU A 81 6.92 -10.60 5.09
CA LEU A 81 6.76 -9.39 4.26
C LEU A 81 8.05 -8.62 4.20
N ASN A 82 9.17 -9.29 4.49
CA ASN A 82 10.45 -8.67 4.29
C ASN A 82 10.68 -8.58 2.81
N ASN A 83 11.21 -7.44 2.37
CA ASN A 83 11.50 -7.18 0.96
C ASN A 83 10.22 -7.12 0.18
N ASP A 84 9.20 -6.53 0.78
CA ASP A 84 7.88 -6.41 0.20
C ASP A 84 7.96 -5.28 -0.82
N ILE A 85 8.55 -5.60 -1.96
CA ILE A 85 8.71 -4.58 -2.99
C ILE A 85 8.63 -5.25 -4.34
N MET A 86 7.97 -4.58 -5.27
CA MET A 86 7.70 -5.15 -6.56
C MET A 86 7.81 -4.05 -7.57
N LEU A 87 8.48 -4.34 -8.68
CA LEU A 87 8.55 -3.41 -9.78
C LEU A 87 7.63 -3.83 -10.89
N ILE A 88 6.75 -2.93 -11.29
CA ILE A 88 5.84 -3.22 -12.36
C ILE A 88 6.28 -2.40 -13.55
N LYS A 89 6.39 -3.06 -14.69
CA LYS A 89 6.68 -2.39 -15.94
C LYS A 89 5.41 -2.25 -16.75
N LEU A 90 5.21 -1.06 -17.29
CA LEU A 90 4.04 -0.70 -18.05
C LEU A 90 4.17 -1.20 -19.50
N LYS A 91 3.09 -1.76 -20.05
CA LYS A 91 3.11 -2.25 -21.43
C LYS A 91 3.57 -1.16 -22.39
N SER A 92 3.16 0.07 -22.13
CA SER A 92 3.59 1.21 -22.88
C SER A 92 3.88 2.33 -21.89
N ALA A 93 4.74 3.26 -22.29
CA ALA A 93 5.11 4.36 -21.43
C ALA A 93 3.91 5.29 -21.18
N ALA A 94 3.73 5.61 -19.90
CA ALA A 94 2.81 6.61 -19.45
C ALA A 94 3.10 7.97 -20.11
N SER A 95 2.04 8.71 -20.39
CA SER A 95 2.13 10.11 -20.78
C SER A 95 2.32 10.96 -19.55
N LEU A 96 3.41 11.72 -19.57
CA LEU A 96 3.81 12.51 -18.43
C LEU A 96 3.22 13.90 -18.41
N ASN A 97 2.76 14.28 -17.22
CA ASN A 97 2.41 15.65 -16.82
C ASN A 97 1.22 16.30 -17.52
N VAL A 100 0.10 13.26 -14.15
CA VAL A 100 0.99 12.10 -14.03
C VAL A 100 2.47 12.52 -13.98
N ALA A 101 3.21 11.97 -13.03
CA ALA A 101 4.63 12.32 -12.92
C ALA A 101 5.26 11.30 -12.04
N SER A 102 6.56 11.12 -12.17
CA SER A 102 7.23 10.16 -11.32
C SER A 102 7.71 10.80 -10.04
N ILE A 103 7.85 9.98 -9.02
CA ILE A 103 8.49 10.37 -7.78
C ILE A 103 9.94 9.88 -7.67
N SER A 104 10.81 10.76 -7.22
CA SER A 104 12.22 10.42 -7.03
C SER A 104 12.45 9.30 -6.03
N LEU A 105 13.44 8.47 -6.31
CA LEU A 105 13.90 7.47 -5.38
C LEU A 105 14.86 8.11 -4.38
N PRO A 106 14.97 7.54 -3.18
CA PRO A 106 15.91 8.16 -2.25
C PRO A 106 17.38 7.89 -2.64
N THR A 107 18.28 8.80 -2.30
CA THR A 107 19.70 8.47 -2.29
C THR A 107 20.16 8.18 -0.84
N SER A 108 19.45 8.74 0.13
CA SER A 108 19.68 8.47 1.57
C SER A 108 18.42 7.89 2.14
N CYS A 109 18.56 7.19 3.25
CA CYS A 109 17.40 6.82 4.03
C CYS A 109 16.89 8.05 4.78
N ALA A 110 15.59 8.06 5.08
CA ALA A 110 15.05 9.12 5.94
C ALA A 110 15.20 8.70 7.39
N SER A 111 15.35 9.69 8.27
CA SER A 111 15.48 9.43 9.70
C SER A 111 14.12 9.52 10.41
N ALA A 112 14.04 8.90 11.59
CA ALA A 112 12.91 9.09 12.50
C ALA A 112 12.56 10.57 12.58
N GLY A 113 11.29 10.90 12.49
CA GLY A 113 10.85 12.29 12.66
C GLY A 113 10.45 12.96 11.35
N THR A 114 10.93 12.40 10.24
CA THR A 114 10.70 12.97 8.93
C THR A 114 9.25 12.88 8.68
N GLN A 115 8.64 14.01 8.36
CA GLN A 115 7.25 14.01 7.96
C GLN A 115 7.16 13.50 6.51
N CYS A 116 6.20 12.62 6.26
CA CYS A 116 5.97 11.99 4.95
C CYS A 116 4.54 12.12 4.50
N LEU A 117 4.34 11.89 3.22
CA LEU A 117 3.02 11.89 2.63
C LEU A 117 2.72 10.48 2.19
N ILE A 118 1.66 9.93 2.78
CA ILE A 118 1.20 8.60 2.47
C ILE A 118 -0.14 8.81 1.81
N SER A 119 -0.39 8.03 0.76
CA SER A 119 -1.60 8.17 -0.04
C SER A 119 -2.19 6.85 -0.49
N GLY A 120 -3.50 6.85 -0.68
CA GLY A 120 -4.15 5.68 -1.25
C GLY A 120 -5.66 5.72 -1.21
N TRP A 121 -6.26 4.75 -1.89
CA TRP A 121 -7.70 4.57 -1.81
C TRP A 121 -8.08 3.39 -0.91
N GLY A 122 -7.29 3.15 0.12
CA GLY A 122 -7.60 2.12 1.08
C GLY A 122 -8.66 2.58 2.04
N ASN A 123 -9.08 1.68 2.91
CA ASN A 123 -10.12 1.93 3.88
C ASN A 123 -9.84 3.20 4.68
N THR A 124 -10.86 3.97 4.98
CA THR A 124 -10.68 5.23 5.69
C THR A 124 -11.16 5.10 7.14
N LYS A 125 -11.62 3.91 7.49
CA LYS A 125 -12.15 3.61 8.80
C LYS A 125 -11.35 2.49 9.47
N SER A 126 -10.99 2.73 10.74
CA SER A 126 -10.53 1.72 11.70
C SER A 126 -11.69 0.74 12.01
N SER A 127 -12.76 1.23 12.65
CA SER A 127 -13.94 0.38 12.96
C SER A 127 -14.55 -0.31 11.73
N GLY A 128 -15.38 0.40 10.97
CA GLY A 128 -16.14 -0.27 9.90
C GLY A 128 -15.33 -0.40 8.64
N THR A 129 -16.03 -0.26 7.51
CA THR A 129 -15.33 -0.04 6.26
C THR A 129 -15.86 1.20 5.52
N SER A 130 -14.94 1.99 5.03
CA SER A 130 -15.27 3.15 4.26
C SER A 130 -14.16 3.27 3.22
N TYR A 131 -14.45 2.77 2.03
CA TYR A 131 -13.55 2.92 0.93
C TYR A 131 -13.90 4.22 0.21
N PRO A 132 -12.90 5.08 0.00
CA PRO A 132 -13.14 6.40 -0.58
C PRO A 132 -13.21 6.26 -2.10
N ASP A 133 -13.54 7.34 -2.78
CA ASP A 133 -13.50 7.32 -4.22
C ASP A 133 -12.28 8.12 -4.67
N VAL A 134 -12.10 9.29 -4.07
CA VAL A 134 -10.98 10.16 -4.36
C VAL A 134 -9.79 9.73 -3.53
N LEU A 135 -8.59 10.02 -4.04
CA LEU A 135 -7.35 9.65 -3.39
C LEU A 135 -7.29 10.33 -2.03
N LYS A 136 -6.91 9.58 -1.02
CA LYS A 136 -6.80 10.13 0.33
C LYS A 136 -5.33 10.26 0.73
N CYS A 137 -5.01 11.28 1.52
CA CYS A 137 -3.62 11.53 1.92
C CYS A 137 -3.48 11.57 3.45
N LEU A 138 -2.30 11.22 3.93
CA LEU A 138 -1.98 11.33 5.34
C LEU A 138 -0.56 11.84 5.51
N LYS A 139 -0.44 12.94 6.27
CA LYS A 139 0.87 13.42 6.66
C LYS A 139 1.20 12.58 7.90
N ALA A 140 2.37 11.95 7.90
CA ALA A 140 2.75 11.16 9.09
C ALA A 140 4.24 11.11 9.21
N PRO A 141 4.75 11.13 10.45
CA PRO A 141 6.20 11.06 10.55
C PRO A 141 6.67 9.61 10.63
N ILE A 142 7.86 9.37 10.08
CA ILE A 142 8.59 8.14 10.29
C ILE A 142 8.78 8.06 11.80
N LEU A 143 8.57 6.88 12.37
CA LEU A 143 8.72 6.67 13.79
C LEU A 143 10.06 6.00 14.06
N SER A 144 10.60 6.21 15.25
CA SER A 144 11.87 5.59 15.64
C SER A 144 11.83 4.09 15.49
N ASP A 145 12.98 3.55 15.14
CA ASP A 145 13.11 2.13 14.96
C ASP A 145 12.70 1.35 16.23
N SER A 146 13.19 1.80 17.38
CA SER A 146 12.95 1.10 18.63
C SER A 146 11.47 1.09 19.00
N SER A 147 10.75 2.15 18.62
CA SER A 147 9.33 2.22 18.89
C SER A 147 8.54 1.42 17.84
N CYS A 148 8.97 1.47 16.59
CA CYS A 148 8.48 0.52 15.59
C CYS A 148 8.59 -0.95 16.06
N LYS A 149 9.77 -1.34 16.50
CA LYS A 149 10.06 -2.71 16.95
C LYS A 149 9.34 -3.10 18.24
N SER A 150 9.14 -2.14 19.15
CA SER A 150 8.38 -2.42 20.37
C SER A 150 6.89 -2.57 20.09
N ALA A 151 6.40 -1.81 19.11
CA ALA A 151 5.04 -1.95 18.57
C ALA A 151 4.83 -3.34 17.93
N TYR A 152 5.86 -3.81 17.21
CA TYR A 152 5.82 -5.07 16.46
C TYR A 152 7.02 -5.97 16.78
N PRO A 153 7.08 -6.51 18.00
CA PRO A 153 8.30 -7.27 18.32
C PRO A 153 8.50 -8.47 17.40
N GLY A 154 9.74 -8.68 16.96
CA GLY A 154 10.12 -9.79 16.09
C GLY A 154 9.63 -9.70 14.67
N GLN A 155 8.88 -8.65 14.33
CA GLN A 155 8.24 -8.56 13.02
C GLN A 155 8.89 -7.50 12.11
N ILE A 156 9.76 -6.67 12.69
CA ILE A 156 10.38 -5.56 11.98
C ILE A 156 11.81 -5.88 11.59
N THR A 157 12.08 -5.81 10.29
CA THR A 157 13.40 -6.06 9.71
C THR A 157 14.00 -4.73 9.32
N SER A 158 15.27 -4.73 8.94
CA SER A 158 15.94 -3.48 8.56
C SER A 158 15.36 -2.90 7.28
N ASN A 159 14.52 -3.67 6.62
CA ASN A 159 13.91 -3.24 5.36
C ASN A 159 12.51 -2.73 5.59
N MET A 160 12.20 -2.41 6.86
CA MET A 160 10.90 -1.93 7.25
C MET A 160 11.09 -0.69 8.12
N PHE A 161 10.12 0.22 8.07
CA PHE A 161 10.01 1.27 9.04
C PHE A 161 8.53 1.47 9.37
N CYS A 162 8.28 2.01 10.55
CA CYS A 162 6.95 2.39 10.92
C CYS A 162 6.86 3.87 10.64
N ALA A 163 5.68 4.27 10.17
CA ALA A 163 5.30 5.66 10.09
C ALA A 163 3.86 5.81 10.58
N GLY A 164 3.55 6.98 11.14
CA GLY A 164 2.20 7.28 11.62
C GLY A 164 2.18 7.77 13.04
N TYR A 165 1.16 7.27 13.77
CA TYR A 165 0.88 7.74 15.13
C TYR A 165 0.62 6.59 16.10
N LEU A 166 1.45 6.50 17.13
CA LEU A 166 1.29 5.51 18.19
C LEU A 166 -0.03 5.69 18.93
N GLU A 167 -0.49 6.94 18.94
CA GLU A 167 -1.72 7.34 19.60
C GLU A 167 -2.94 6.69 18.88
N GLY A 168 -2.73 6.22 17.64
CA GLY A 168 -3.82 5.66 16.80
C GLY A 168 -4.54 6.72 15.95
N GLY A 169 -5.51 6.29 15.15
CA GLY A 169 -6.42 7.21 14.48
C GLY A 169 -6.01 7.73 13.12
N LYS A 170 -4.72 7.62 12.79
CA LYS A 170 -4.20 8.16 11.52
C LYS A 170 -3.22 7.13 10.97
N ASP A 171 -3.61 6.47 9.88
CA ASP A 171 -2.84 5.32 9.39
C ASP A 171 -3.17 4.99 7.91
N SER A 172 -2.30 4.24 7.24
CA SER A 172 -2.72 3.57 6.00
C SER A 172 -3.53 2.33 6.36
N CYS A 173 -4.11 1.67 5.36
CA CYS A 173 -5.03 0.58 5.64
C CYS A 173 -5.16 -0.30 4.40
N GLN A 174 -5.89 -1.41 4.52
CA GLN A 174 -6.14 -2.30 3.40
C GLN A 174 -6.63 -1.50 2.19
N GLY A 175 -5.98 -1.72 1.06
CA GLY A 175 -6.25 -0.95 -0.14
C GLY A 175 -5.13 0.02 -0.37
N ASP A 176 -4.35 0.31 0.67
CA ASP A 176 -3.28 1.29 0.51
C ASP A 176 -2.00 0.65 0.07
N SER A 177 -1.90 -0.67 0.23
CA SER A 177 -0.69 -1.43 -0.14
C SER A 177 -0.06 -1.04 -1.45
N GLY A 178 1.26 -1.03 -1.46
CA GLY A 178 2.00 -0.75 -2.67
C GLY A 178 2.21 0.74 -2.81
N GLY A 179 1.32 1.50 -2.17
CA GLY A 179 1.30 2.97 -2.25
C GLY A 179 2.52 3.66 -1.69
N PRO A 180 2.68 4.96 -2.04
CA PRO A 180 3.87 5.73 -1.67
C PRO A 180 3.86 6.22 -0.23
N VAL A 181 5.05 6.32 0.34
CA VAL A 181 5.34 7.20 1.46
C VAL A 181 6.43 8.10 0.93
N VAL A 182 6.14 9.37 0.74
CA VAL A 182 7.12 10.24 0.12
C VAL A 182 7.47 11.32 1.09
N CYS A 183 8.76 11.50 1.35
CA CYS A 183 9.22 12.43 2.39
C CYS A 183 10.34 13.21 1.78
N SER A 184 10.26 14.53 1.87
CA SER A 184 11.26 15.42 1.29
C SER A 184 11.49 15.13 -0.18
N GLY A 185 10.41 14.83 -0.90
CA GLY A 185 10.47 14.65 -2.35
C GLY A 185 11.01 13.29 -2.75
N LYS A 186 11.12 12.37 -1.79
CA LYS A 186 11.69 11.05 -2.09
C LYS A 186 10.76 9.96 -1.61
N LEU A 187 10.59 8.95 -2.47
CA LEU A 187 9.82 7.76 -2.16
C LEU A 187 10.60 6.93 -1.15
N GLN A 188 10.22 6.99 0.12
CA GLN A 188 10.97 6.32 1.17
C GLN A 188 10.29 5.04 1.62
N GLY A 189 8.98 4.98 1.42
CA GLY A 189 8.21 3.88 1.95
C GLY A 189 7.19 3.38 0.97
N ILE A 190 6.87 2.08 1.10
CA ILE A 190 5.75 1.47 0.42
C ILE A 190 4.82 0.92 1.49
N VAL A 191 3.54 1.22 1.36
CA VAL A 191 2.53 0.72 2.28
C VAL A 191 2.59 -0.81 2.30
N SER A 192 2.83 -1.40 3.46
CA SER A 192 3.05 -2.82 3.50
C SER A 192 1.99 -3.44 4.37
N TRP A 193 2.02 -3.15 5.66
CA TRP A 193 1.17 -3.87 6.60
C TRP A 193 1.12 -3.16 7.94
N GLY A 194 0.36 -3.75 8.85
CA GLY A 194 0.20 -3.28 10.19
C GLY A 194 -0.84 -4.16 10.86
N SER A 195 -0.97 -4.03 12.17
CA SER A 195 -2.00 -4.71 12.91
C SER A 195 -3.25 -3.85 12.88
N GLY A 196 -4.28 -4.34 12.18
CA GLY A 196 -5.45 -3.53 11.87
C GLY A 196 -5.04 -2.22 11.24
N CYS A 197 -5.85 -1.18 11.44
CA CYS A 197 -5.56 0.15 10.89
C CYS A 197 -5.82 1.20 11.95
N ALA A 198 -4.92 2.16 12.05
CA ALA A 198 -5.11 3.28 12.96
C ALA A 198 -5.37 2.84 14.41
N GLN A 199 -4.74 1.73 14.82
CA GLN A 199 -4.80 1.25 16.18
C GLN A 199 -3.72 1.88 17.07
N LYS A 200 -4.06 2.12 18.33
CA LYS A 200 -3.10 2.53 19.36
C LYS A 200 -1.93 1.54 19.39
N ASN A 201 -0.72 2.08 19.36
CA ASN A 201 0.51 1.28 19.39
C ASN A 201 0.72 0.24 18.26
N LYS A 202 0.00 0.42 17.16
CA LYS A 202 0.14 -0.43 16.00
C LYS A 202 0.23 0.48 14.76
N PRO A 203 1.40 1.13 14.56
CA PRO A 203 1.52 2.03 13.41
C PRO A 203 1.60 1.24 12.10
N GLY A 204 1.50 1.94 10.98
CA GLY A 204 1.66 1.29 9.68
C GLY A 204 3.11 0.87 9.54
N VAL A 205 3.32 -0.27 8.90
CA VAL A 205 4.68 -0.71 8.60
C VAL A 205 4.88 -0.63 7.10
N TYR A 206 5.97 0.03 6.71
CA TYR A 206 6.29 0.32 5.33
C TYR A 206 7.62 -0.31 4.91
N THR A 207 7.69 -0.66 3.62
CA THR A 207 8.92 -1.13 3.00
C THR A 207 9.89 0.05 2.88
N LYS A 208 11.11 -0.17 3.32
CA LYS A 208 12.13 0.86 3.34
C LYS A 208 12.74 0.96 1.97
N VAL A 209 12.20 1.84 1.14
CA VAL A 209 12.63 1.94 -0.25
C VAL A 209 14.13 2.19 -0.42
N CYS A 210 14.74 2.96 0.46
CA CYS A 210 16.15 3.34 0.29
C CYS A 210 17.10 2.15 0.17
N ASN A 211 16.73 1.02 0.76
CA ASN A 211 17.52 -0.22 0.70
C ASN A 211 17.48 -0.89 -0.65
N TYR A 212 16.52 -0.48 -1.49
CA TYR A 212 16.22 -1.13 -2.76
C TYR A 212 16.54 -0.32 -4.00
N VAL A 213 17.13 0.86 -3.80
CA VAL A 213 17.45 1.75 -4.93
C VAL A 213 18.41 1.09 -5.94
N SER A 214 19.48 0.45 -5.45
CA SER A 214 20.37 -0.30 -6.34
C SER A 214 19.68 -1.43 -7.13
N TRP A 215 18.82 -2.19 -6.46
CA TRP A 215 18.10 -3.29 -7.10
C TRP A 215 17.06 -2.77 -8.13
N ILE A 216 16.26 -1.79 -7.71
CA ILE A 216 15.35 -1.09 -8.62
C ILE A 216 16.07 -0.62 -9.89
N LYS A 217 17.24 -0.01 -9.70
CA LYS A 217 18.04 0.46 -10.81
C LYS A 217 18.55 -0.68 -11.68
N GLN A 218 19.06 -1.75 -11.05
CA GLN A 218 19.54 -2.96 -11.76
C GLN A 218 18.40 -3.68 -12.48
N THR A 219 17.21 -3.67 -11.87
CA THR A 219 16.04 -4.34 -12.40
C THR A 219 15.45 -3.57 -13.58
N ILE A 220 15.37 -2.25 -13.43
CA ILE A 220 14.97 -1.36 -14.52
C ILE A 220 15.95 -1.39 -15.69
N ALA A 221 17.24 -1.36 -15.40
CA ALA A 221 18.24 -1.34 -16.48
C ALA A 221 18.24 -2.64 -17.27
N SER A 222 17.87 -3.74 -16.62
CA SER A 222 17.98 -5.06 -17.26
C SER A 222 16.61 -5.65 -17.69
N ASN A 223 15.57 -4.82 -17.69
CA ASN A 223 14.23 -5.27 -18.06
C ASN A 223 13.50 -4.23 -18.90
N ASP B 5 1.10 -9.79 15.66
CA ASP B 5 -0.14 -10.10 14.92
C ASP B 5 -1.34 -9.42 15.67
N CYS B 6 -2.60 -9.54 15.18
CA CYS B 6 -2.93 -10.04 13.83
C CYS B 6 -2.58 -9.05 12.70
N ALA B 7 -1.40 -9.27 12.16
CA ALA B 7 -0.72 -8.36 11.27
C ALA B 7 -1.08 -8.72 9.84
N CYS B 8 -1.74 -7.81 9.14
CA CYS B 8 -2.14 -8.08 7.77
C CYS B 8 -1.53 -7.15 6.77
N PRO B 9 -1.18 -7.68 5.58
CA PRO B 9 -0.77 -6.83 4.46
C PRO B 9 -1.91 -5.91 4.17
N ARG B 10 -1.63 -4.78 3.54
CA ARG B 10 -2.65 -3.78 3.36
C ARG B 10 -3.23 -3.74 1.96
N VAL B 11 -3.28 -4.93 1.36
CA VAL B 11 -3.90 -5.19 0.07
C VAL B 11 -5.42 -5.33 0.26
N LEU B 12 -6.17 -4.86 -0.71
CA LEU B 12 -7.62 -5.01 -0.75
C LEU B 12 -7.97 -6.24 -1.58
N HIS B 13 -8.55 -7.25 -0.96
CA HIS B 13 -8.95 -8.48 -1.64
C HIS B 13 -10.23 -8.89 -0.96
N ARG B 14 -11.28 -8.09 -1.15
CA ARG B 14 -12.55 -8.28 -0.44
C ARG B 14 -13.03 -9.72 -0.51
N VAL B 15 -13.27 -10.29 0.67
CA VAL B 15 -13.87 -11.64 0.77
C VAL B 15 -15.14 -11.64 1.62
N CYS B 16 -15.84 -12.76 1.62
CA CYS B 16 -17.07 -12.86 2.37
C CYS B 16 -17.01 -13.88 3.51
N GLY B 17 -17.25 -13.40 4.73
CA GLY B 17 -17.18 -14.22 5.94
C GLY B 17 -18.43 -15.04 6.11
N SER B 18 -18.38 -16.11 6.91
CA SER B 18 -19.55 -16.95 7.15
C SER B 18 -20.57 -16.18 8.01
N ASP B 19 -20.10 -15.08 8.62
CA ASP B 19 -20.93 -14.17 9.41
C ASP B 19 -21.61 -13.12 8.51
N GLY B 20 -21.38 -13.23 7.21
CA GLY B 20 -21.98 -12.33 6.22
C GLY B 20 -21.37 -10.95 6.21
N ASN B 21 -20.18 -10.83 6.80
CA ASN B 21 -19.44 -9.58 6.72
C ASN B 21 -18.39 -9.68 5.63
N THR B 22 -18.26 -8.60 4.86
CA THR B 22 -17.19 -8.48 3.91
C THR B 22 -15.89 -8.11 4.62
N TYR B 23 -14.86 -8.92 4.38
CA TYR B 23 -13.56 -8.63 4.96
C TYR B 23 -12.68 -8.07 3.88
N SER B 24 -11.83 -7.12 4.26
CA SER B 24 -10.99 -6.42 3.28
C SER B 24 -9.98 -7.32 2.61
N ASN B 25 -9.47 -8.31 3.34
CA ASN B 25 -8.70 -9.37 2.68
C ASN B 25 -8.78 -10.66 3.50
N PRO B 26 -8.40 -11.80 2.90
CA PRO B 26 -8.44 -13.06 3.63
C PRO B 26 -7.79 -12.94 5.00
N CYS B 27 -6.75 -12.13 5.10
CA CYS B 27 -6.01 -11.97 6.34
C CYS B 27 -6.84 -11.25 7.41
N THR B 28 -7.56 -10.20 7.05
CA THR B 28 -8.32 -9.50 8.08
C THR B 28 -9.49 -10.40 8.50
N LEU B 29 -9.99 -11.20 7.56
CA LEU B 29 -10.95 -12.26 7.88
C LEU B 29 -10.35 -13.18 8.95
N ASP B 30 -9.16 -13.66 8.64
CA ASP B 30 -8.41 -14.51 9.53
C ASP B 30 -8.23 -13.91 10.91
N CYS B 31 -8.04 -12.60 10.97
CA CYS B 31 -7.85 -11.91 12.22
C CYS B 31 -9.15 -11.89 13.05
N ALA B 32 -10.28 -11.57 12.41
CA ALA B 32 -11.60 -11.51 13.06
C ALA B 32 -11.97 -12.86 13.66
N LYS B 33 -11.67 -13.91 12.88
CA LYS B 33 -11.78 -15.31 13.31
C LYS B 33 -10.97 -15.55 14.57
N HIS B 34 -9.71 -15.13 14.54
CA HIS B 34 -8.76 -15.30 15.67
C HIS B 34 -9.02 -14.39 16.87
N GLU B 35 -9.83 -13.35 16.68
CA GLU B 35 -10.12 -12.38 17.73
C GLU B 35 -11.43 -12.66 18.46
N GLY B 36 -12.42 -13.21 17.77
CA GLY B 36 -13.72 -13.40 18.39
C GLY B 36 -14.68 -14.30 17.69
N LYS B 37 -14.30 -14.87 16.56
CA LYS B 37 -15.19 -15.72 15.80
C LYS B 37 -14.52 -17.02 15.33
N PRO B 38 -14.38 -18.03 16.22
CA PRO B 38 -13.63 -19.23 15.85
C PRO B 38 -14.18 -19.95 14.63
N ASP B 39 -15.51 -19.95 14.53
CA ASP B 39 -16.21 -20.62 13.46
C ASP B 39 -16.30 -19.75 12.21
N LEU B 40 -15.62 -18.60 12.23
CA LEU B 40 -15.60 -17.72 11.05
C LEU B 40 -14.79 -18.33 9.93
N VAL B 41 -15.39 -18.32 8.75
CA VAL B 41 -14.88 -19.02 7.60
C VAL B 41 -15.12 -18.14 6.38
N GLN B 42 -14.22 -18.23 5.41
CA GLN B 42 -14.46 -17.58 4.16
C GLN B 42 -15.44 -18.41 3.32
N VAL B 43 -16.59 -17.79 3.00
CA VAL B 43 -17.63 -18.39 2.16
C VAL B 43 -17.28 -18.29 0.65
N HIS B 44 -16.87 -17.10 0.21
CA HIS B 44 -16.48 -16.84 -1.18
C HIS B 44 -15.68 -15.55 -1.29
N GLU B 45 -15.02 -15.37 -2.43
CA GLU B 45 -14.36 -14.12 -2.77
C GLU B 45 -15.37 -13.05 -3.15
N GLY B 46 -14.93 -11.79 -3.11
CA GLY B 46 -15.83 -10.65 -3.35
C GLY B 46 -16.66 -10.33 -2.13
N PRO B 47 -17.33 -9.16 -2.11
CA PRO B 47 -18.12 -8.75 -0.96
C PRO B 47 -19.25 -9.74 -0.70
N CYS B 48 -19.68 -9.86 0.55
CA CYS B 48 -20.91 -10.58 0.83
C CYS B 48 -22.05 -9.82 0.24
N ASP B 49 -23.14 -10.52 -0.04
CA ASP B 49 -24.40 -9.86 -0.24
C ASP B 49 -24.89 -9.44 1.16
N PRO B 50 -25.23 -8.14 1.34
CA PRO B 50 -25.85 -7.53 2.55
C PRO B 50 -26.98 -8.29 3.29
#